data_3HC5
#
_entry.id   3HC5
#
_cell.length_a   159.893
_cell.length_b   159.893
_cell.length_c   159.893
_cell.angle_alpha   90.000
_cell.angle_beta   90.000
_cell.angle_gamma   90.000
#
_symmetry.space_group_name_H-M   'F 2 3'
#
loop_
_entity.id
_entity.type
_entity.pdbx_description
1 polymer 'Bile acid receptor'
2 polymer 'Nuclear receptor coactivator 1'
3 non-polymer '3-(6-{[3-(2,6-dichlorophenyl)-5-(1-methylethyl)isoxazol-4-yl]methoxy}-1-benzothiophen-2-yl)benzoic acid'
4 non-polymer 'SULFATE ION'
5 water water
#
loop_
_entity_poly.entity_id
_entity_poly.type
_entity_poly.pdbx_seq_one_letter_code
_entity_poly.pdbx_strand_id
1 'polypeptide(L)'
;GSTELTPDQQTLLHFIMDSYNKQRMPQEITNKILKEEFSAEENFLILTEMATNHVQVLVEFTKKLPGFQTLDHEDQIALL
KGSAVEAMFLRSAEIFNKKLPSGHSDLLEERIRNSGISDEYITPMFSFYKSIGELKMTQEEYALLTAIVILSPDRQYIKD
REAVEKLQEPLLDVLQKLCKIHQPENPQHFACLLGRLTELRTFNHHHAEMLMSWRVNDHKFTPLLCEIWDVQ
;
A
2 'polypeptide(L)' KESKDHQLLRYLLDKDEKDLR B
#
loop_
_chem_comp.id
_chem_comp.type
_chem_comp.name
_chem_comp.formula
82X non-polymer '3-(6-{[3-(2,6-dichlorophenyl)-5-(1-methylethyl)isoxazol-4-yl]methoxy}-1-benzothiophen-2-yl)benzoic acid' 'C28 H21 Cl2 N O4 S'
SO4 non-polymer 'SULFATE ION' 'O4 S -2'
#
# COMPACT_ATOMS: atom_id res chain seq x y z
N GLU A 4 13.12 22.65 -9.15
CA GLU A 4 14.28 22.06 -8.41
C GLU A 4 14.00 22.04 -6.90
N LEU A 5 12.78 21.63 -6.53
CA LEU A 5 12.36 21.57 -5.12
C LEU A 5 12.25 22.92 -4.42
N THR A 6 11.14 23.58 -4.68
CA THR A 6 10.84 24.89 -4.12
C THR A 6 10.59 24.78 -2.62
N PRO A 7 9.96 25.82 -2.01
CA PRO A 7 9.70 25.74 -0.57
C PRO A 7 8.45 24.89 -0.33
N ASP A 8 7.36 25.27 -0.97
CA ASP A 8 6.10 24.56 -0.86
C ASP A 8 6.28 23.04 -1.03
N GLN A 9 7.37 22.65 -1.68
CA GLN A 9 7.63 21.24 -1.94
C GLN A 9 8.55 20.63 -0.90
N GLN A 10 9.67 21.28 -0.61
CA GLN A 10 10.61 20.78 0.37
C GLN A 10 9.88 20.62 1.70
N THR A 11 8.72 21.27 1.81
CA THR A 11 7.91 21.22 3.02
C THR A 11 6.88 20.09 2.91
N LEU A 12 6.28 19.97 1.74
CA LEU A 12 5.28 18.92 1.51
C LEU A 12 5.95 17.57 1.72
N LEU A 13 7.08 17.37 1.06
CA LEU A 13 7.83 16.12 1.15
C LEU A 13 8.16 15.77 2.60
N HIS A 14 8.61 16.75 3.36
CA HIS A 14 8.97 16.50 4.75
C HIS A 14 7.80 16.14 5.64
N PHE A 15 6.61 16.69 5.34
CA PHE A 15 5.44 16.37 6.13
C PHE A 15 5.13 14.90 5.84
N ILE A 16 5.28 14.53 4.58
CA ILE A 16 5.02 13.18 4.11
C ILE A 16 6.03 12.14 4.61
N MET A 17 7.31 12.45 4.54
CA MET A 17 8.31 11.50 5.02
C MET A 17 8.18 11.39 6.53
N ASP A 18 7.51 12.36 7.11
CA ASP A 18 7.27 12.39 8.54
C ASP A 18 6.26 11.31 8.89
N SER A 19 5.08 11.39 8.27
CA SER A 19 4.02 10.41 8.51
C SER A 19 4.51 9.03 8.12
N TYR A 20 4.83 8.89 6.84
CA TYR A 20 5.30 7.62 6.28
C TYR A 20 6.34 6.92 7.15
N ASN A 21 7.11 7.69 7.90
CA ASN A 21 8.16 7.10 8.70
C ASN A 21 7.79 6.72 10.13
N LYS A 22 6.63 7.17 10.62
CA LYS A 22 6.23 6.82 11.97
C LYS A 22 6.20 5.29 12.05
N GLN A 23 6.90 4.72 13.03
CA GLN A 23 6.93 3.26 13.20
C GLN A 23 5.59 2.86 13.82
N ARG A 24 4.58 2.69 12.98
CA ARG A 24 3.24 2.34 13.43
C ARG A 24 3.05 0.87 13.80
N MET A 25 3.50 -0.04 12.95
CA MET A 25 3.37 -1.48 13.24
C MET A 25 4.25 -1.82 14.45
N PRO A 26 3.65 -2.35 15.52
CA PRO A 26 4.39 -2.71 16.75
C PRO A 26 5.41 -3.83 16.52
N GLN A 27 6.58 -3.70 17.15
CA GLN A 27 7.63 -4.70 17.00
C GLN A 27 7.16 -6.07 17.48
N GLU A 28 6.47 -6.12 18.62
CA GLU A 28 5.99 -7.39 19.14
C GLU A 28 5.09 -8.09 18.13
N ILE A 29 4.46 -7.32 17.26
CA ILE A 29 3.56 -7.87 16.25
C ILE A 29 4.30 -8.38 15.02
N THR A 30 5.13 -7.53 14.43
CA THR A 30 5.85 -7.95 13.24
C THR A 30 6.90 -9.01 13.58
N ASN A 31 7.25 -9.15 14.86
CA ASN A 31 8.24 -10.16 15.26
C ASN A 31 7.72 -11.58 15.06
N LYS A 32 6.40 -11.74 15.00
CA LYS A 32 5.82 -13.07 14.80
C LYS A 32 6.19 -13.63 13.44
N ILE A 33 6.45 -12.76 12.47
CA ILE A 33 6.81 -13.23 11.14
C ILE A 33 8.03 -14.13 11.26
N LEU A 34 8.89 -13.81 12.22
CA LEU A 34 10.12 -14.54 12.47
C LEU A 34 10.03 -15.70 13.46
N LYS A 35 9.34 -15.50 14.58
CA LYS A 35 9.26 -16.49 15.65
C LYS A 35 8.17 -17.57 15.68
N GLU A 36 7.10 -17.40 14.91
CA GLU A 36 6.04 -18.40 14.94
C GLU A 36 6.32 -19.60 14.05
N GLU A 37 5.62 -20.70 14.34
CA GLU A 37 5.78 -21.91 13.57
C GLU A 37 5.43 -21.64 12.11
N PHE A 38 6.10 -22.35 11.21
CA PHE A 38 5.84 -22.20 9.79
C PHE A 38 4.93 -23.32 9.26
N SER A 39 3.66 -23.01 9.11
CA SER A 39 2.70 -23.98 8.59
C SER A 39 1.66 -23.17 7.84
N ALA A 40 0.96 -23.78 6.90
CA ALA A 40 -0.04 -23.07 6.12
C ALA A 40 -1.04 -22.28 6.98
N GLU A 41 -1.52 -22.86 8.07
CA GLU A 41 -2.49 -22.17 8.91
C GLU A 41 -1.87 -20.98 9.61
N GLU A 42 -0.75 -21.21 10.26
CA GLU A 42 -0.09 -20.13 10.99
C GLU A 42 0.40 -19.02 10.04
N ASN A 43 0.91 -19.39 8.87
CA ASN A 43 1.38 -18.41 7.90
C ASN A 43 0.21 -17.51 7.51
N PHE A 44 -0.95 -18.13 7.32
CA PHE A 44 -2.14 -17.37 6.94
C PHE A 44 -2.65 -16.47 8.05
N LEU A 45 -2.63 -16.93 9.29
CA LEU A 45 -3.11 -16.10 10.38
C LEU A 45 -2.22 -14.89 10.57
N ILE A 46 -0.91 -15.11 10.55
CA ILE A 46 0.06 -14.03 10.70
C ILE A 46 -0.06 -13.00 9.58
N LEU A 47 -0.28 -13.47 8.35
CA LEU A 47 -0.43 -12.56 7.23
C LEU A 47 -1.71 -11.75 7.37
N THR A 48 -2.73 -12.34 7.99
CA THR A 48 -4.00 -11.66 8.20
C THR A 48 -3.79 -10.59 9.27
N GLU A 49 -2.98 -10.90 10.27
CA GLU A 49 -2.70 -9.95 11.34
C GLU A 49 -1.85 -8.76 10.90
N MET A 50 -0.92 -9.02 9.97
CA MET A 50 -0.08 -7.95 9.45
C MET A 50 -0.97 -7.03 8.62
N ALA A 51 -1.77 -7.62 7.74
CA ALA A 51 -2.67 -6.83 6.89
C ALA A 51 -3.74 -6.02 7.64
N THR A 52 -4.33 -6.62 8.67
CA THR A 52 -5.36 -5.89 9.40
C THR A 52 -4.73 -4.77 10.22
N ASN A 53 -3.47 -4.95 10.58
CA ASN A 53 -2.75 -3.92 11.34
C ASN A 53 -2.30 -2.85 10.35
N HIS A 54 -1.95 -3.27 9.15
CA HIS A 54 -1.49 -2.33 8.15
C HIS A 54 -2.61 -1.39 7.71
N VAL A 55 -3.84 -1.90 7.69
CA VAL A 55 -4.98 -1.07 7.30
C VAL A 55 -5.08 0.15 8.23
N GLN A 56 -4.73 -0.07 9.49
CA GLN A 56 -4.78 0.99 10.48
C GLN A 56 -3.65 2.00 10.24
N VAL A 57 -2.49 1.50 9.83
CA VAL A 57 -1.35 2.37 9.57
C VAL A 57 -1.64 3.25 8.35
N LEU A 58 -2.33 2.68 7.38
CA LEU A 58 -2.67 3.40 6.15
C LEU A 58 -3.63 4.53 6.44
N VAL A 59 -4.72 4.20 7.13
CA VAL A 59 -5.71 5.20 7.46
C VAL A 59 -5.06 6.36 8.22
N GLU A 60 -4.22 6.03 9.18
CA GLU A 60 -3.55 7.06 9.96
C GLU A 60 -2.51 7.82 9.14
N PHE A 61 -2.09 7.23 8.04
CA PHE A 61 -1.11 7.86 7.16
C PHE A 61 -1.91 8.71 6.18
N THR A 62 -3.02 8.16 5.70
CA THR A 62 -3.88 8.86 4.76
C THR A 62 -4.45 10.12 5.40
N LYS A 63 -4.92 10.00 6.62
CA LYS A 63 -5.50 11.12 7.33
C LYS A 63 -4.52 12.30 7.35
N LYS A 64 -3.23 11.99 7.46
CA LYS A 64 -2.18 12.99 7.48
C LYS A 64 -1.83 13.58 6.11
N LEU A 65 -2.35 12.99 5.04
CA LEU A 65 -2.06 13.52 3.71
C LEU A 65 -2.79 14.85 3.54
N PRO A 66 -2.06 15.90 3.11
CA PRO A 66 -2.58 17.25 2.91
C PRO A 66 -3.95 17.32 2.25
N GLY A 67 -4.89 17.95 2.95
CA GLY A 67 -6.23 18.12 2.42
C GLY A 67 -7.09 16.88 2.34
N PHE A 68 -6.63 15.76 2.88
CA PHE A 68 -7.42 14.55 2.81
C PHE A 68 -8.67 14.71 3.64
N GLN A 69 -8.51 15.27 4.84
CA GLN A 69 -9.64 15.44 5.76
C GLN A 69 -10.65 16.49 5.34
N THR A 70 -10.40 17.15 4.21
CA THR A 70 -11.31 18.16 3.70
C THR A 70 -12.19 17.59 2.59
N LEU A 71 -11.98 16.32 2.27
CA LEU A 71 -12.72 15.63 1.22
C LEU A 71 -14.05 15.09 1.71
N ASP A 72 -14.97 14.87 0.78
CA ASP A 72 -16.29 14.34 1.10
C ASP A 72 -16.09 13.01 1.83
N HIS A 73 -16.74 12.85 2.97
CA HIS A 73 -16.62 11.63 3.75
C HIS A 73 -16.88 10.36 2.94
N GLU A 74 -17.77 10.44 1.95
CA GLU A 74 -18.07 9.28 1.13
C GLU A 74 -16.87 8.92 0.24
N ASP A 75 -16.19 9.95 -0.25
CA ASP A 75 -15.04 9.73 -1.12
C ASP A 75 -13.84 9.23 -0.32
N GLN A 76 -13.73 9.67 0.93
CA GLN A 76 -12.63 9.25 1.78
C GLN A 76 -12.65 7.73 1.89
N ILE A 77 -13.85 7.16 1.93
CA ILE A 77 -14.00 5.72 2.02
C ILE A 77 -13.66 5.07 0.69
N ALA A 78 -14.23 5.61 -0.38
CA ALA A 78 -13.99 5.09 -1.72
C ALA A 78 -12.50 5.01 -2.04
N LEU A 79 -11.75 6.03 -1.63
CA LEU A 79 -10.31 6.06 -1.87
C LEU A 79 -9.58 4.99 -1.06
N LEU A 80 -9.92 4.86 0.22
CA LEU A 80 -9.31 3.85 1.09
C LEU A 80 -9.63 2.45 0.55
N LYS A 81 -10.89 2.22 0.23
CA LYS A 81 -11.30 0.93 -0.28
C LYS A 81 -10.67 0.64 -1.63
N GLY A 82 -10.44 1.69 -2.42
CA GLY A 82 -9.87 1.52 -3.73
C GLY A 82 -8.37 1.28 -3.80
N SER A 83 -7.62 1.90 -2.92
CA SER A 83 -6.18 1.77 -2.92
C SER A 83 -5.62 0.74 -1.94
N ALA A 84 -6.48 0.22 -1.07
CA ALA A 84 -6.07 -0.75 -0.05
C ALA A 84 -5.08 -1.79 -0.53
N VAL A 85 -5.50 -2.59 -1.52
CA VAL A 85 -4.65 -3.64 -2.07
C VAL A 85 -3.34 -3.12 -2.65
N GLU A 86 -3.43 -2.13 -3.54
CA GLU A 86 -2.24 -1.55 -4.16
C GLU A 86 -1.25 -1.03 -3.12
N ALA A 87 -1.73 -0.24 -2.16
CA ALA A 87 -0.83 0.29 -1.14
C ALA A 87 -0.15 -0.84 -0.37
N MET A 88 -0.85 -1.97 -0.20
CA MET A 88 -0.30 -3.09 0.52
C MET A 88 0.78 -3.79 -0.29
N PHE A 89 0.60 -3.83 -1.61
CA PHE A 89 1.61 -4.45 -2.47
C PHE A 89 2.84 -3.58 -2.47
N LEU A 90 2.64 -2.27 -2.40
CA LEU A 90 3.75 -1.35 -2.39
C LEU A 90 4.56 -1.51 -1.12
N ARG A 91 3.88 -1.66 0.02
CA ARG A 91 4.59 -1.81 1.29
C ARG A 91 5.37 -3.11 1.36
N SER A 92 4.76 -4.21 0.95
CA SER A 92 5.45 -5.48 1.00
C SER A 92 6.60 -5.44 0.01
N ALA A 93 6.37 -4.87 -1.16
CA ALA A 93 7.41 -4.74 -2.17
C ALA A 93 8.63 -4.05 -1.54
N GLU A 94 8.38 -3.00 -0.77
CA GLU A 94 9.49 -2.32 -0.15
C GLU A 94 10.20 -3.25 0.84
N ILE A 95 9.42 -4.09 1.53
CA ILE A 95 10.01 -5.02 2.49
C ILE A 95 10.99 -5.97 1.78
N PHE A 96 10.58 -6.50 0.64
CA PHE A 96 11.43 -7.43 -0.12
C PHE A 96 12.56 -6.73 -0.87
N ASN A 97 12.25 -5.57 -1.44
CA ASN A 97 13.24 -4.83 -2.20
C ASN A 97 14.33 -4.20 -1.33
N LYS A 98 13.93 -3.44 -0.33
CA LYS A 98 14.92 -2.78 0.51
C LYS A 98 15.20 -3.48 1.84
N LYS A 99 14.74 -4.74 1.92
CA LYS A 99 14.95 -5.60 3.07
C LYS A 99 14.79 -4.92 4.44
N LEU A 100 13.67 -4.22 4.62
CA LEU A 100 13.42 -3.53 5.88
C LEU A 100 13.46 -4.57 7.02
N PRO A 101 14.27 -4.33 8.06
CA PRO A 101 14.36 -5.27 9.18
C PRO A 101 13.03 -5.70 9.83
N SER A 102 12.11 -4.76 10.01
CA SER A 102 10.82 -5.05 10.62
C SER A 102 10.00 -6.02 9.76
N GLY A 103 10.44 -6.23 8.53
CA GLY A 103 9.71 -7.11 7.66
C GLY A 103 10.14 -8.56 7.64
N HIS A 104 11.38 -8.82 8.04
CA HIS A 104 11.86 -10.20 8.04
C HIS A 104 11.59 -10.78 6.67
N SER A 105 12.07 -10.06 5.66
CA SER A 105 11.93 -10.38 4.25
C SER A 105 11.84 -11.85 3.85
N ASP A 106 12.93 -12.60 4.00
CA ASP A 106 12.93 -14.01 3.63
C ASP A 106 11.88 -14.85 4.35
N LEU A 107 11.61 -14.54 5.62
CA LEU A 107 10.61 -15.29 6.36
C LEU A 107 9.19 -14.85 5.99
N LEU A 108 9.04 -13.61 5.54
CA LEU A 108 7.74 -13.11 5.13
C LEU A 108 7.45 -13.85 3.84
N GLU A 109 8.45 -13.94 2.97
CA GLU A 109 8.27 -14.64 1.70
C GLU A 109 7.89 -16.13 1.90
N GLU A 110 8.50 -16.78 2.89
CA GLU A 110 8.17 -18.17 3.18
C GLU A 110 6.69 -18.32 3.52
N ARG A 111 6.16 -17.38 4.29
CA ARG A 111 4.77 -17.42 4.72
C ARG A 111 3.75 -17.13 3.62
N ILE A 112 4.13 -16.28 2.66
CA ILE A 112 3.25 -15.92 1.55
C ILE A 112 3.22 -17.08 0.55
N ARG A 113 4.36 -17.73 0.38
CA ARG A 113 4.51 -18.86 -0.54
C ARG A 113 3.85 -20.11 -0.01
N ASN A 114 3.30 -20.03 1.19
CA ASN A 114 2.63 -21.18 1.76
C ASN A 114 1.47 -20.74 2.66
N SER A 115 0.54 -19.98 2.09
CA SER A 115 -0.59 -19.49 2.85
C SER A 115 -1.92 -19.72 2.15
N GLY A 116 -1.93 -20.66 1.21
CA GLY A 116 -3.16 -20.98 0.48
C GLY A 116 -3.34 -20.18 -0.80
N ILE A 117 -2.27 -19.60 -1.32
CA ILE A 117 -2.36 -18.83 -2.57
C ILE A 117 -1.92 -19.69 -3.75
N SER A 118 -2.72 -19.66 -4.80
CA SER A 118 -2.45 -20.41 -6.03
C SER A 118 -1.24 -19.91 -6.78
N ASP A 119 -0.52 -20.83 -7.42
CA ASP A 119 0.66 -20.49 -8.21
C ASP A 119 0.30 -19.45 -9.27
N GLU A 120 -0.96 -19.41 -9.66
CA GLU A 120 -1.40 -18.46 -10.66
C GLU A 120 -1.19 -17.02 -10.19
N TYR A 121 -1.18 -16.80 -8.88
CA TYR A 121 -1.00 -15.46 -8.33
C TYR A 121 0.38 -15.24 -7.72
N ILE A 122 0.97 -16.30 -7.17
CA ILE A 122 2.29 -16.21 -6.56
C ILE A 122 3.32 -15.78 -7.59
N THR A 123 3.25 -16.39 -8.77
CA THR A 123 4.21 -16.07 -9.81
C THR A 123 4.18 -14.59 -10.21
N PRO A 124 3.02 -14.07 -10.63
CA PRO A 124 2.95 -12.65 -11.01
C PRO A 124 3.41 -11.76 -9.85
N MET A 125 2.85 -12.05 -8.69
CA MET A 125 3.15 -11.33 -7.48
C MET A 125 4.66 -11.16 -7.30
N PHE A 126 5.41 -12.24 -7.28
CA PHE A 126 6.86 -12.12 -7.09
C PHE A 126 7.60 -11.56 -8.25
N SER A 127 7.05 -11.76 -9.43
CA SER A 127 7.65 -11.21 -10.64
C SER A 127 7.55 -9.70 -10.49
N PHE A 128 6.40 -9.23 -9.99
CA PHE A 128 6.18 -7.80 -9.77
C PHE A 128 7.21 -7.26 -8.79
N TYR A 129 7.40 -7.95 -7.66
CA TYR A 129 8.37 -7.51 -6.66
C TYR A 129 9.79 -7.39 -7.21
N LYS A 130 10.19 -8.36 -8.04
CA LYS A 130 11.54 -8.35 -8.62
C LYS A 130 11.79 -7.14 -9.51
N SER A 131 10.89 -6.87 -10.46
CA SER A 131 11.11 -5.74 -11.34
C SER A 131 10.99 -4.38 -10.67
N ILE A 132 10.15 -4.28 -9.65
CA ILE A 132 10.03 -3.00 -9.00
C ILE A 132 11.29 -2.75 -8.14
N GLY A 133 11.92 -3.84 -7.70
CA GLY A 133 13.14 -3.70 -6.92
C GLY A 133 14.26 -3.24 -7.83
N GLU A 134 14.20 -3.67 -9.09
CA GLU A 134 15.22 -3.31 -10.06
C GLU A 134 15.19 -1.82 -10.36
N LEU A 135 14.15 -1.13 -9.91
CA LEU A 135 14.07 0.32 -10.10
C LEU A 135 14.90 0.98 -9.01
N LYS A 136 15.39 0.17 -8.08
CA LYS A 136 16.21 0.66 -6.98
C LYS A 136 15.69 2.00 -6.44
N MET A 137 14.42 2.03 -6.05
CA MET A 137 13.80 3.25 -5.52
C MET A 137 14.25 3.59 -4.12
N THR A 138 14.01 4.84 -3.74
CA THR A 138 14.35 5.35 -2.43
C THR A 138 13.08 5.40 -1.56
N GLN A 139 13.26 5.62 -0.26
CA GLN A 139 12.12 5.66 0.64
C GLN A 139 11.20 6.82 0.29
N GLU A 140 11.76 7.87 -0.30
CA GLU A 140 10.95 9.00 -0.69
C GLU A 140 10.04 8.62 -1.86
N GLU A 141 10.56 7.82 -2.76
CA GLU A 141 9.81 7.37 -3.91
C GLU A 141 8.70 6.43 -3.47
N TYR A 142 9.04 5.50 -2.58
CA TYR A 142 8.06 4.56 -2.06
C TYR A 142 6.93 5.32 -1.39
N ALA A 143 7.30 6.29 -0.57
CA ALA A 143 6.31 7.08 0.15
C ALA A 143 5.48 7.95 -0.78
N LEU A 144 6.14 8.60 -1.72
CA LEU A 144 5.45 9.46 -2.67
C LEU A 144 4.55 8.62 -3.53
N LEU A 145 5.01 7.41 -3.82
CA LEU A 145 4.27 6.49 -4.66
C LEU A 145 3.00 6.04 -3.95
N THR A 146 3.12 5.70 -2.67
CA THR A 146 1.96 5.26 -1.92
C THR A 146 0.94 6.38 -1.80
N ALA A 147 1.41 7.59 -1.53
CA ALA A 147 0.49 8.70 -1.40
C ALA A 147 -0.23 8.97 -2.70
N ILE A 148 0.44 8.70 -3.81
CA ILE A 148 -0.15 8.92 -5.12
C ILE A 148 -1.21 7.86 -5.41
N VAL A 149 -0.95 6.65 -4.95
CA VAL A 149 -1.88 5.54 -5.15
C VAL A 149 -3.15 5.73 -4.34
N ILE A 150 -2.98 6.14 -3.10
CA ILE A 150 -4.11 6.38 -2.21
C ILE A 150 -4.98 7.51 -2.76
N LEU A 151 -4.34 8.58 -3.24
CA LEU A 151 -5.09 9.69 -3.78
C LEU A 151 -5.34 9.55 -5.29
N SER A 152 -5.87 8.39 -5.70
CA SER A 152 -6.14 8.18 -7.11
C SER A 152 -7.58 8.51 -7.48
N PRO A 153 -7.78 9.63 -8.19
CA PRO A 153 -9.10 10.08 -8.63
C PRO A 153 -9.83 9.06 -9.48
N ASP A 154 -9.08 8.06 -9.92
CA ASP A 154 -9.60 6.98 -10.76
C ASP A 154 -10.58 6.05 -10.07
N ARG A 155 -10.29 5.69 -8.82
CA ARG A 155 -11.11 4.77 -8.06
C ARG A 155 -12.61 4.89 -8.28
N GLN A 156 -13.26 3.74 -8.44
CA GLN A 156 -14.68 3.66 -8.65
C GLN A 156 -15.43 4.25 -7.47
N TYR A 157 -16.64 4.72 -7.73
CA TYR A 157 -17.49 5.29 -6.69
C TYR A 157 -17.09 6.66 -6.15
N ILE A 158 -16.10 7.30 -6.77
CA ILE A 158 -15.69 8.63 -6.31
C ILE A 158 -16.73 9.64 -6.78
N LYS A 159 -17.09 10.56 -5.89
CA LYS A 159 -18.10 11.57 -6.20
C LYS A 159 -17.55 12.90 -6.74
N ASP A 160 -16.29 13.18 -6.44
CA ASP A 160 -15.66 14.42 -6.90
C ASP A 160 -14.25 14.11 -7.39
N ARG A 161 -14.15 13.38 -8.51
CA ARG A 161 -12.87 12.98 -9.06
C ARG A 161 -11.91 14.13 -9.41
N GLU A 162 -12.30 15.35 -9.12
CA GLU A 162 -11.46 16.50 -9.41
C GLU A 162 -10.81 17.07 -8.15
N ALA A 163 -11.44 16.85 -7.00
CA ALA A 163 -10.89 17.35 -5.73
C ALA A 163 -9.75 16.42 -5.29
N VAL A 164 -9.75 15.21 -5.84
CA VAL A 164 -8.71 14.23 -5.53
C VAL A 164 -7.52 14.51 -6.45
N GLU A 165 -7.79 14.65 -7.75
CA GLU A 165 -6.74 14.96 -8.70
C GLU A 165 -5.99 16.16 -8.17
N LYS A 166 -6.75 17.14 -7.68
CA LYS A 166 -6.16 18.36 -7.13
C LYS A 166 -5.27 18.08 -5.93
N LEU A 167 -5.62 17.06 -5.15
CA LEU A 167 -4.81 16.70 -3.99
C LEU A 167 -3.65 15.84 -4.43
N GLN A 168 -3.82 15.14 -5.55
CA GLN A 168 -2.77 14.26 -6.08
C GLN A 168 -1.68 15.02 -6.85
N GLU A 169 -2.10 15.96 -7.71
CA GLU A 169 -1.17 16.74 -8.53
C GLU A 169 0.14 17.16 -7.85
N PRO A 170 0.06 17.81 -6.68
CA PRO A 170 1.25 18.26 -5.96
C PRO A 170 2.26 17.13 -5.70
N LEU A 171 1.73 15.95 -5.42
CA LEU A 171 2.56 14.78 -5.12
C LEU A 171 3.30 14.26 -6.35
N LEU A 172 2.60 14.22 -7.47
CA LEU A 172 3.21 13.76 -8.71
C LEU A 172 4.32 14.75 -9.06
N ASP A 173 4.06 16.03 -8.83
CA ASP A 173 5.02 17.08 -9.13
C ASP A 173 6.31 16.87 -8.36
N VAL A 174 6.19 16.63 -7.05
CA VAL A 174 7.36 16.43 -6.20
C VAL A 174 8.07 15.13 -6.56
N LEU A 175 7.32 14.15 -7.05
CA LEU A 175 7.95 12.90 -7.44
C LEU A 175 8.72 13.10 -8.74
N GLN A 176 8.08 13.74 -9.71
CA GLN A 176 8.74 13.98 -10.99
C GLN A 176 10.02 14.74 -10.73
N LYS A 177 9.90 15.85 -9.99
CA LYS A 177 11.06 16.66 -9.66
C LYS A 177 12.17 15.78 -9.07
N LEU A 178 11.87 15.12 -7.95
CA LEU A 178 12.85 14.25 -7.30
C LEU A 178 13.49 13.27 -8.26
N CYS A 179 12.85 13.02 -9.39
CA CYS A 179 13.39 12.09 -10.38
C CYS A 179 14.39 12.80 -11.29
N LYS A 180 14.00 13.93 -11.85
CA LYS A 180 14.86 14.70 -12.73
C LYS A 180 16.07 15.22 -11.96
N ILE A 181 15.94 15.28 -10.64
CA ILE A 181 17.00 15.79 -9.77
C ILE A 181 18.15 14.83 -9.53
N HIS A 182 17.86 13.65 -8.98
CA HIS A 182 18.91 12.68 -8.67
C HIS A 182 19.00 11.55 -9.68
N GLN A 183 18.20 11.65 -10.74
CA GLN A 183 18.20 10.66 -11.81
C GLN A 183 18.20 11.36 -13.17
N PRO A 184 19.10 12.35 -13.35
CA PRO A 184 19.16 13.06 -14.64
C PRO A 184 19.71 12.11 -15.69
N GLU A 185 20.50 11.16 -15.23
CA GLU A 185 21.11 10.14 -16.07
C GLU A 185 20.11 9.77 -17.15
N ASN A 186 18.93 9.35 -16.70
CA ASN A 186 17.86 8.96 -17.62
C ASN A 186 16.55 9.63 -17.25
N PRO A 187 16.03 10.47 -18.15
CA PRO A 187 14.78 11.21 -17.98
C PRO A 187 13.54 10.34 -18.17
N GLN A 188 13.72 9.02 -18.13
CA GLN A 188 12.61 8.10 -18.30
C GLN A 188 12.21 7.40 -17.01
N HIS A 189 12.86 7.76 -15.92
CA HIS A 189 12.59 7.15 -14.62
C HIS A 189 11.19 7.48 -14.09
N PHE A 190 10.77 8.73 -14.22
CA PHE A 190 9.43 9.08 -13.75
C PHE A 190 8.43 8.20 -14.44
N ALA A 191 8.59 8.05 -15.76
CA ALA A 191 7.70 7.24 -16.58
C ALA A 191 7.64 5.78 -16.11
N CYS A 192 8.80 5.20 -15.81
CA CYS A 192 8.85 3.82 -15.35
C CYS A 192 8.06 3.63 -14.06
N LEU A 193 8.30 4.49 -13.08
CA LEU A 193 7.58 4.39 -11.82
C LEU A 193 6.09 4.41 -12.11
N LEU A 194 5.63 5.38 -12.90
CA LEU A 194 4.21 5.47 -13.23
C LEU A 194 3.77 4.21 -13.99
N GLY A 195 4.70 3.58 -14.70
CA GLY A 195 4.37 2.37 -15.44
C GLY A 195 3.93 1.29 -14.47
N ARG A 196 4.70 1.11 -13.40
CA ARG A 196 4.37 0.11 -12.39
C ARG A 196 2.97 0.33 -11.83
N LEU A 197 2.54 1.59 -11.74
CA LEU A 197 1.21 1.84 -11.21
C LEU A 197 0.22 0.97 -11.98
N THR A 198 0.42 0.91 -13.29
CA THR A 198 -0.45 0.13 -14.14
C THR A 198 -0.32 -1.34 -13.74
N GLU A 199 0.90 -1.81 -13.55
CA GLU A 199 1.10 -3.21 -13.16
C GLU A 199 0.46 -3.50 -11.80
N LEU A 200 0.51 -2.51 -10.90
CA LEU A 200 -0.05 -2.64 -9.57
C LEU A 200 -1.55 -2.93 -9.68
N ARG A 201 -2.25 -2.13 -10.49
CA ARG A 201 -3.68 -2.27 -10.69
C ARG A 201 -4.07 -3.71 -11.00
N THR A 202 -3.21 -4.40 -11.73
CA THR A 202 -3.44 -5.79 -12.13
C THR A 202 -3.76 -6.71 -10.96
N PHE A 203 -3.18 -6.43 -9.80
CA PHE A 203 -3.38 -7.28 -8.64
C PHE A 203 -4.72 -7.12 -7.94
N ASN A 204 -5.49 -6.10 -8.31
CA ASN A 204 -6.81 -5.92 -7.68
C ASN A 204 -7.67 -7.13 -8.07
N HIS A 205 -7.65 -7.48 -9.35
CA HIS A 205 -8.42 -8.63 -9.81
C HIS A 205 -7.91 -9.88 -9.11
N HIS A 206 -6.61 -10.11 -9.24
CA HIS A 206 -5.97 -11.26 -8.62
C HIS A 206 -6.35 -11.41 -7.15
N HIS A 207 -6.37 -10.28 -6.44
CA HIS A 207 -6.70 -10.29 -5.02
C HIS A 207 -8.15 -10.69 -4.77
N ALA A 208 -9.04 -10.36 -5.70
CA ALA A 208 -10.44 -10.70 -5.53
C ALA A 208 -10.64 -12.22 -5.62
N GLU A 209 -9.82 -12.86 -6.45
CA GLU A 209 -9.87 -14.31 -6.65
C GLU A 209 -9.20 -15.00 -5.46
N MET A 210 -8.14 -14.40 -4.94
CA MET A 210 -7.43 -14.98 -3.81
C MET A 210 -8.35 -15.03 -2.60
N LEU A 211 -9.17 -13.99 -2.44
CA LEU A 211 -10.10 -13.91 -1.33
C LEU A 211 -11.22 -14.96 -1.47
N MET A 212 -11.65 -15.20 -2.71
CA MET A 212 -12.70 -16.19 -2.97
C MET A 212 -12.18 -17.57 -2.57
N SER A 213 -10.99 -17.90 -3.04
CA SER A 213 -10.35 -19.16 -2.73
C SER A 213 -10.24 -19.33 -1.22
N TRP A 214 -9.65 -18.36 -0.55
CA TRP A 214 -9.53 -18.44 0.90
C TRP A 214 -10.89 -18.63 1.55
N ARG A 215 -11.89 -17.86 1.12
CA ARG A 215 -13.25 -17.97 1.66
C ARG A 215 -13.90 -19.34 1.49
N VAL A 216 -13.86 -19.90 0.28
CA VAL A 216 -14.47 -21.21 0.09
C VAL A 216 -13.72 -22.28 0.88
N ASN A 217 -12.58 -21.92 1.45
CA ASN A 217 -11.77 -22.82 2.25
C ASN A 217 -11.84 -22.48 3.73
N ASP A 218 -12.92 -21.83 4.12
CA ASP A 218 -13.17 -21.45 5.49
C ASP A 218 -12.06 -20.68 6.18
N HIS A 219 -11.59 -19.61 5.56
CA HIS A 219 -10.57 -18.79 6.16
C HIS A 219 -11.19 -17.57 6.76
N LYS A 220 -10.63 -17.14 7.88
CA LYS A 220 -11.15 -16.00 8.60
C LYS A 220 -10.31 -14.76 8.38
N PHE A 221 -10.98 -13.64 8.14
CA PHE A 221 -10.25 -12.39 7.98
C PHE A 221 -10.57 -11.60 9.23
N THR A 222 -10.78 -10.30 9.11
CA THR A 222 -11.11 -9.51 10.28
C THR A 222 -12.21 -8.55 9.92
N PRO A 223 -12.96 -8.08 10.93
CA PRO A 223 -14.04 -7.14 10.62
C PRO A 223 -13.48 -6.01 9.78
N LEU A 224 -12.31 -5.51 10.16
CA LEU A 224 -11.68 -4.41 9.45
C LEU A 224 -11.29 -4.74 7.99
N LEU A 225 -10.65 -5.89 7.75
CA LEU A 225 -10.30 -6.27 6.38
C LEU A 225 -11.54 -6.50 5.54
N CYS A 226 -12.55 -7.16 6.12
CA CYS A 226 -13.79 -7.45 5.43
C CYS A 226 -14.51 -6.18 4.99
N GLU A 227 -14.48 -5.16 5.82
CA GLU A 227 -15.11 -3.91 5.45
C GLU A 227 -14.35 -3.29 4.28
N ILE A 228 -13.05 -3.06 4.46
CA ILE A 228 -12.24 -2.43 3.43
C ILE A 228 -12.14 -3.17 2.10
N TRP A 229 -12.22 -4.50 2.12
CA TRP A 229 -12.16 -5.27 0.87
C TRP A 229 -13.53 -5.74 0.41
N ASP A 230 -14.58 -5.26 1.08
CA ASP A 230 -15.96 -5.66 0.77
C ASP A 230 -16.10 -7.16 0.73
N VAL A 231 -15.83 -7.82 1.85
CA VAL A 231 -15.96 -9.27 1.92
C VAL A 231 -17.31 -9.58 2.56
N GLN A 232 -18.24 -10.04 1.73
CA GLN A 232 -19.59 -10.38 2.18
C GLN A 232 -19.57 -11.56 3.16
N ASP B 5 -23.21 2.19 6.99
CA ASP B 5 -22.19 1.20 6.56
C ASP B 5 -20.77 1.76 6.68
N HIS B 6 -19.79 0.87 6.67
CA HIS B 6 -18.39 1.24 6.79
C HIS B 6 -18.09 1.97 8.09
N GLN B 7 -18.77 1.55 9.16
CA GLN B 7 -18.57 2.18 10.45
C GLN B 7 -17.16 2.01 11.01
N LEU B 8 -16.44 0.97 10.58
CA LEU B 8 -15.08 0.76 11.07
C LEU B 8 -14.13 1.76 10.46
N LEU B 9 -14.27 1.99 9.15
CA LEU B 9 -13.40 2.95 8.49
C LEU B 9 -13.74 4.35 8.98
N ARG B 10 -15.03 4.63 9.11
CA ARG B 10 -15.48 5.93 9.60
C ARG B 10 -14.89 6.15 10.99
N TYR B 11 -14.97 5.12 11.83
CA TYR B 11 -14.44 5.17 13.19
C TYR B 11 -12.94 5.44 13.25
N LEU B 12 -12.20 4.92 12.27
CA LEU B 12 -10.75 5.15 12.26
C LEU B 12 -10.44 6.58 11.85
N LEU B 13 -11.22 7.11 10.92
CA LEU B 13 -11.02 8.47 10.45
C LEU B 13 -11.35 9.49 11.55
N ASP B 14 -12.45 9.27 12.28
CA ASP B 14 -12.86 10.17 13.35
C ASP B 14 -12.00 10.04 14.61
N LYS B 15 -11.32 8.91 14.75
CA LYS B 15 -10.46 8.67 15.90
C LYS B 15 -9.39 9.76 15.97
C11 82X C . -0.39 -10.19 -0.20
C12 82X C . 0.52 -9.46 -1.01
C13 82X C . 0.28 -8.12 -1.37
C14 82X C . -0.90 -7.50 -0.96
C15 82X C . -1.83 -8.19 -0.15
C19 82X C . -0.35 -7.75 3.93
C20 82X C . -0.64 -6.37 3.99
C21 82X C . 0.25 -5.50 4.65
C22 82X C . 0.83 -8.27 4.50
C23 82X C . 1.72 -7.38 5.16
C24 82X C . 1.44 -6.01 5.22
C25 82X C . 2.42 -5.29 5.93
C26 82X C . 3.45 -6.09 6.40
C29 82X C . 5.40 -6.54 7.86
C30 82X C . 6.47 -6.09 8.67
C1 82X C . -1.25 -9.91 3.26
C2 82X C . -2.39 -10.42 2.45
C3 82X C . -2.53 -10.24 1.07
N4 82X C . -3.65 -10.82 0.71
O5 82X C . -4.27 -11.38 1.81
C6 82X C . -3.49 -11.13 2.88
C7 82X C . -1.58 -9.54 0.21
C8 82X C . -3.81 -11.59 4.28
C9 82X C . -5.23 -11.18 4.72
C10 82X C . -3.63 -13.12 4.40
CL16 82X C . -3.27 -7.33 0.32
CL17 82X C . 0.03 -11.83 0.18
O18 82X C . -1.28 -8.53 3.34
S27 82X C . 3.18 -7.73 5.93
C28 82X C . 4.54 -5.62 7.21
C31 82X C . 6.69 -4.70 8.83
C32 82X C . 5.83 -3.76 8.20
C33 82X C . 4.77 -4.23 7.38
C34 82X C . 6.04 -2.33 8.36
O35 82X C . 6.94 -1.91 9.06
O36 82X C . 5.23 -1.42 7.73
S SO4 D . 9.26 -10.74 21.44
O1 SO4 D . 10.54 -10.37 22.04
O2 SO4 D . 8.15 -10.28 22.31
O3 SO4 D . 9.13 -10.12 20.12
O4 SO4 D . 9.19 -12.21 21.31
S SO4 E . 16.91 5.03 0.71
O1 SO4 E . 15.45 4.90 0.92
O2 SO4 E . 17.59 4.82 2.00
O3 SO4 E . 17.19 6.38 0.20
O4 SO4 E . 17.34 4.02 -0.27
#